data_5EQZ
#
_entry.id   5EQZ
#
_cell.length_a   63.970
_cell.length_b   42.510
_cell.length_c   64.140
_cell.angle_alpha   90.000
_cell.angle_beta   109.210
_cell.angle_gamma   90.000
#
_symmetry.space_group_name_H-M   'C 1 2 1'
#
loop_
_entity.id
_entity.type
_entity.pdbx_description
1 polymer 'Rev protein'
2 water water
#
_entity_poly.entity_id   1
_entity_poly.type   'polypeptide(L)'
_entity_poly.pdbx_seq_one_letter_code
;MAHHHHHHYVEEKKEIDSLMEDVLALVNDSSGGKFKDYKDKINELKENLKDIGNAELKEKLLNLQNSFQDKLAAKLAALK
AAKNTIENITDKDQDISKRKIWSEAKLVGVTVPLLGSNTSGNGDKMSKNAVEQIDKVIKFLEEGTN
;
_entity_poly.pdbx_strand_id   A
#
# COMPACT_ATOMS: atom_id res chain seq x y z
N HIS A 6 -9.03 -18.94 34.51
CA HIS A 6 -8.59 -18.64 33.15
C HIS A 6 -8.55 -17.13 32.89
N HIS A 7 -7.34 -16.56 32.83
CA HIS A 7 -7.17 -15.16 32.49
C HIS A 7 -7.45 -14.97 31.00
N HIS A 8 -8.25 -13.97 30.65
CA HIS A 8 -8.78 -13.92 29.30
C HIS A 8 -8.16 -12.90 28.37
N TYR A 9 -7.51 -11.86 28.89
CA TYR A 9 -6.86 -10.84 28.05
C TYR A 9 -7.88 -10.20 27.07
N VAL A 10 -9.06 -9.89 27.61
CA VAL A 10 -10.14 -9.36 26.77
C VAL A 10 -9.70 -8.05 26.10
N GLU A 11 -9.09 -7.15 26.88
CA GLU A 11 -8.77 -5.84 26.31
C GLU A 11 -7.68 -5.95 25.26
N GLU A 12 -6.71 -6.84 25.48
CA GLU A 12 -5.68 -7.08 24.49
C GLU A 12 -6.25 -7.70 23.22
N LYS A 13 -7.18 -8.65 23.37
CA LYS A 13 -7.81 -9.24 22.19
C LYS A 13 -8.62 -8.21 21.41
N LYS A 14 -9.26 -7.28 22.11
CA LYS A 14 -9.98 -6.22 21.41
C LYS A 14 -9.02 -5.31 20.64
N GLU A 15 -7.85 -5.03 21.22
CA GLU A 15 -6.85 -4.23 20.51
C GLU A 15 -6.46 -4.91 19.21
N ILE A 16 -6.18 -6.20 19.27
CA ILE A 16 -5.78 -6.94 18.07
C ILE A 16 -6.91 -6.93 17.05
N ASP A 17 -8.14 -7.19 17.50
CA ASP A 17 -9.28 -7.25 16.58
C ASP A 17 -9.45 -5.95 15.81
N SER A 18 -9.40 -4.82 16.53
CA SER A 18 -9.61 -3.52 15.89
CA SER A 18 -9.61 -3.53 15.89
C SER A 18 -8.54 -3.27 14.84
N LEU A 19 -7.29 -3.53 15.18
CA LEU A 19 -6.21 -3.35 14.20
C LEU A 19 -6.37 -4.32 13.04
N MET A 20 -6.83 -5.56 13.30
CA MET A 20 -7.06 -6.52 12.24
C MET A 20 -8.11 -6.00 11.25
N GLU A 21 -9.22 -5.43 11.76
CA GLU A 21 -10.27 -4.94 10.87
C GLU A 21 -9.74 -3.81 9.99
N ASP A 22 -8.90 -2.94 10.56
CA ASP A 22 -8.29 -1.87 9.77
C ASP A 22 -7.34 -2.43 8.71
N VAL A 23 -6.52 -3.42 9.08
CA VAL A 23 -5.59 -4.04 8.13
C VAL A 23 -6.34 -4.73 7.01
N LEU A 24 -7.46 -5.38 7.31
CA LEU A 24 -8.23 -6.07 6.28
C LEU A 24 -8.87 -5.10 5.30
N ALA A 25 -9.00 -3.82 5.66
CA ALA A 25 -9.56 -2.79 4.77
C ALA A 25 -8.51 -2.13 3.88
N LEU A 26 -7.24 -2.45 4.07
CA LEU A 26 -6.18 -1.97 3.19
C LEU A 26 -6.47 -2.45 1.77
N VAL A 27 -6.25 -1.56 0.80
CA VAL A 27 -6.39 -1.89 -0.61
C VAL A 27 -5.20 -1.31 -1.36
N ASN A 28 -5.12 -1.60 -2.67
CA ASN A 28 -3.92 -1.21 -3.41
C ASN A 28 -3.83 0.29 -3.67
N ASP A 29 -4.90 1.06 -3.49
CA ASP A 29 -4.75 2.51 -3.54
C ASP A 29 -4.72 3.15 -2.16
N SER A 30 -4.62 2.36 -1.09
CA SER A 30 -4.35 2.92 0.22
C SER A 30 -2.97 3.56 0.26
N SER A 31 -2.85 4.70 0.93
CA SER A 31 -1.57 5.41 0.94
C SER A 31 -0.49 4.57 1.64
N GLY A 32 0.75 4.78 1.23
CA GLY A 32 1.86 4.13 1.89
C GLY A 32 1.93 4.44 3.38
N GLY A 33 1.59 5.69 3.76
CA GLY A 33 1.57 6.04 5.17
C GLY A 33 0.63 5.20 5.99
N LYS A 34 -0.49 4.78 5.42
CA LYS A 34 -1.40 3.89 6.16
C LYS A 34 -0.77 2.52 6.40
N PHE A 35 -0.02 2.01 5.41
CA PHE A 35 0.67 0.74 5.61
C PHE A 35 1.71 0.84 6.72
N LYS A 36 2.56 1.87 6.67
CA LYS A 36 3.60 1.99 7.68
C LYS A 36 3.00 2.22 9.06
N ASP A 37 1.88 2.95 9.13
CA ASP A 37 1.25 3.19 10.41
C ASP A 37 0.73 1.88 11.01
N TYR A 38 0.06 1.05 10.21
CA TYR A 38 -0.42 -0.23 10.73
C TYR A 38 0.73 -1.17 11.05
N LYS A 39 1.79 -1.15 10.22
CA LYS A 39 2.95 -1.98 10.52
C LYS A 39 3.56 -1.59 11.86
N ASP A 40 3.65 -0.29 12.14
CA ASP A 40 4.23 0.16 13.40
C ASP A 40 3.35 -0.27 14.58
N LYS A 41 2.03 -0.13 14.45
CA LYS A 41 1.14 -0.58 15.51
C LYS A 41 1.19 -2.08 15.69
N ILE A 42 1.36 -2.84 14.60
CA ILE A 42 1.48 -4.28 14.75
C ILE A 42 2.75 -4.64 15.51
N ASN A 43 3.88 -3.99 15.17
CA ASN A 43 5.14 -4.26 15.85
C ASN A 43 5.07 -3.90 17.33
N GLU A 44 4.40 -2.81 17.65
CA GLU A 44 4.32 -2.40 19.05
C GLU A 44 3.47 -3.40 19.86
N LEU A 45 2.40 -3.92 19.25
CA LEU A 45 1.60 -4.95 19.92
C LEU A 45 2.39 -6.23 20.12
N LYS A 46 3.07 -6.71 19.07
CA LYS A 46 3.88 -7.91 19.20
C LYS A 46 4.90 -7.78 20.33
N GLU A 47 5.49 -6.58 20.49
CA GLU A 47 6.44 -6.36 21.56
C GLU A 47 5.75 -6.33 22.92
N ASN A 48 4.61 -5.66 23.02
CA ASN A 48 3.99 -5.51 24.34
C ASN A 48 3.26 -6.76 24.81
N LEU A 49 2.92 -7.67 23.90
CA LEU A 49 2.22 -8.91 24.27
C LEU A 49 3.13 -10.13 24.24
N LYS A 50 4.45 -9.93 24.15
CA LYS A 50 5.37 -11.03 23.92
C LYS A 50 5.38 -12.06 25.06
N ASP A 51 5.06 -11.64 26.28
CA ASP A 51 5.16 -12.54 27.44
C ASP A 51 3.84 -13.25 27.77
N ILE A 52 2.83 -13.11 26.94
CA ILE A 52 1.51 -13.67 27.22
C ILE A 52 1.40 -15.01 26.48
N GLY A 53 1.21 -16.08 27.23
CA GLY A 53 1.11 -17.40 26.64
C GLY A 53 -0.27 -17.81 26.19
N ASN A 54 -1.27 -16.93 26.27
CA ASN A 54 -2.62 -17.28 25.86
C ASN A 54 -2.61 -17.72 24.40
N ALA A 55 -2.93 -19.01 24.16
CA ALA A 55 -2.83 -19.55 22.80
C ALA A 55 -3.69 -18.77 21.82
N GLU A 56 -4.91 -18.40 22.24
CA GLU A 56 -5.81 -17.66 21.36
C GLU A 56 -5.22 -16.30 21.03
N LEU A 57 -4.64 -15.64 22.02
CA LEU A 57 -4.05 -14.33 21.78
C LEU A 57 -2.87 -14.42 20.83
N LYS A 58 -1.99 -15.41 21.02
CA LYS A 58 -0.85 -15.57 20.13
C LYS A 58 -1.30 -15.87 18.70
N GLU A 59 -2.32 -16.72 18.56
CA GLU A 59 -2.82 -17.01 17.21
C GLU A 59 -3.41 -15.76 16.57
N LYS A 60 -4.13 -14.94 17.35
CA LYS A 60 -4.69 -13.71 16.80
C LYS A 60 -3.60 -12.76 16.32
N LEU A 61 -2.52 -12.64 17.08
CA LEU A 61 -1.39 -11.82 16.67
C LEU A 61 -0.73 -12.36 15.40
N LEU A 62 -0.59 -13.68 15.31
CA LEU A 62 -0.03 -14.27 14.09
C LEU A 62 -0.93 -14.01 12.89
N ASN A 63 -2.24 -14.18 13.06
CA ASN A 63 -3.16 -13.86 11.98
C ASN A 63 -3.03 -12.40 11.57
N LEU A 64 -2.89 -11.49 12.54
CA LEU A 64 -2.76 -10.07 12.22
C LEU A 64 -1.51 -9.79 11.40
N GLN A 65 -0.36 -10.38 11.78
CA GLN A 65 0.83 -10.18 10.97
C GLN A 65 0.67 -10.81 9.58
N ASN A 66 0.11 -12.02 9.50
CA ASN A 66 -0.03 -12.68 8.21
C ASN A 66 -0.89 -11.84 7.27
N SER A 67 -2.02 -11.32 7.77
CA SER A 67 -2.90 -10.52 6.92
C SER A 67 -2.22 -9.25 6.46
N PHE A 68 -1.45 -8.61 7.34
CA PHE A 68 -0.75 -7.40 6.93
C PHE A 68 0.28 -7.70 5.83
N GLN A 69 1.08 -8.75 6.03
CA GLN A 69 2.05 -9.08 5.01
C GLN A 69 1.39 -9.40 3.67
N ASP A 70 0.19 -9.97 3.69
CA ASP A 70 -0.48 -10.25 2.42
C ASP A 70 -1.01 -8.98 1.78
N LYS A 71 -1.53 -8.05 2.58
CA LYS A 71 -1.91 -6.75 2.05
C LYS A 71 -0.68 -6.00 1.52
N LEU A 72 0.45 -6.09 2.21
CA LEU A 72 1.65 -5.42 1.72
C LEU A 72 2.14 -6.03 0.42
N ALA A 73 2.17 -7.37 0.32
CA ALA A 73 2.58 -8.01 -0.93
C ALA A 73 1.70 -7.57 -2.10
N ALA A 74 0.39 -7.47 -1.88
CA ALA A 74 -0.49 -7.03 -2.95
C ALA A 74 -0.20 -5.58 -3.35
N LYS A 75 0.01 -4.70 -2.37
CA LYS A 75 0.27 -3.30 -2.67
C LYS A 75 1.56 -3.14 -3.46
N LEU A 76 2.64 -3.79 -3.00
CA LEU A 76 3.92 -3.68 -3.70
C LEU A 76 3.86 -4.26 -5.10
N ALA A 77 3.13 -5.36 -5.30
CA ALA A 77 3.02 -5.92 -6.65
C ALA A 77 2.23 -4.99 -7.55
N ALA A 78 1.16 -4.40 -7.01
CA ALA A 78 0.35 -3.46 -7.79
C ALA A 78 1.17 -2.25 -8.20
N LEU A 79 2.02 -1.76 -7.29
CA LEU A 79 2.86 -0.59 -7.61
C LEU A 79 3.83 -0.92 -8.75
N LYS A 80 4.57 -2.02 -8.62
CA LYS A 80 5.52 -2.40 -9.66
C LYS A 80 4.82 -2.70 -10.98
N ALA A 81 3.60 -3.24 -10.93
CA ALA A 81 2.84 -3.49 -12.14
C ALA A 81 2.45 -2.18 -12.83
N ALA A 82 1.92 -1.23 -12.05
CA ALA A 82 1.58 0.08 -12.62
C ALA A 82 2.83 0.76 -13.20
N LYS A 83 3.95 0.65 -12.48
CA LYS A 83 5.20 1.26 -12.94
C LYS A 83 5.63 0.67 -14.28
N ASN A 84 5.61 -0.67 -14.37
CA ASN A 84 6.02 -1.33 -15.61
C ASN A 84 5.12 -0.91 -16.77
N THR A 85 3.80 -0.98 -16.58
CA THR A 85 2.85 -0.58 -17.61
C THR A 85 3.10 0.85 -18.07
N ILE A 86 3.23 1.79 -17.13
CA ILE A 86 3.43 3.19 -17.51
C ILE A 86 4.71 3.35 -18.31
N GLU A 87 5.79 2.70 -17.86
CA GLU A 87 7.05 2.79 -18.59
C GLU A 87 6.94 2.27 -20.01
N ASN A 88 6.14 1.22 -20.22
CA ASN A 88 6.07 0.57 -21.52
C ASN A 88 5.06 1.18 -22.49
N ILE A 89 4.30 2.19 -22.06
CA ILE A 89 3.43 2.89 -23.01
C ILE A 89 4.31 3.57 -24.06
N THR A 90 3.93 3.42 -25.32
CA THR A 90 4.82 3.78 -26.43
C THR A 90 4.61 5.21 -26.94
N ASP A 91 3.44 5.50 -27.49
CA ASP A 91 3.14 6.84 -28.01
C ASP A 91 2.54 7.67 -26.87
N LYS A 92 3.41 8.04 -25.92
CA LYS A 92 2.93 8.57 -24.65
C LYS A 92 2.24 9.92 -24.78
N ASP A 93 2.45 10.64 -25.89
CA ASP A 93 1.78 11.93 -25.99
C ASP A 93 0.40 11.83 -26.59
N GLN A 94 -0.03 10.66 -27.06
CA GLN A 94 -1.41 10.51 -27.50
C GLN A 94 -2.36 10.70 -26.34
N ASP A 95 -3.53 11.29 -26.64
CA ASP A 95 -4.58 11.45 -25.63
C ASP A 95 -4.83 10.16 -24.87
N ILE A 96 -4.96 9.04 -25.61
CA ILE A 96 -5.28 7.76 -24.96
C ILE A 96 -4.15 7.35 -24.02
N SER A 97 -2.90 7.57 -24.42
CA SER A 97 -1.76 7.20 -23.58
C SER A 97 -1.70 8.05 -22.32
N LYS A 98 -2.01 9.34 -22.42
CA LYS A 98 -2.00 10.21 -21.25
C LYS A 98 -3.05 9.78 -20.23
N ARG A 99 -4.28 9.50 -20.68
CA ARG A 99 -5.29 9.03 -19.76
C ARG A 99 -4.91 7.69 -19.14
N LYS A 100 -4.20 6.86 -19.90
CA LYS A 100 -3.73 5.57 -19.38
C LYS A 100 -2.71 5.76 -18.26
N ILE A 101 -1.73 6.66 -18.45
CA ILE A 101 -0.77 6.96 -17.39
C ILE A 101 -1.49 7.45 -16.15
N TRP A 102 -2.42 8.39 -16.35
CA TRP A 102 -3.18 8.95 -15.24
C TRP A 102 -3.95 7.85 -14.48
N SER A 103 -4.64 6.98 -15.22
CA SER A 103 -5.50 6.00 -14.56
C SER A 103 -4.68 4.90 -13.90
N GLU A 104 -3.56 4.50 -14.51
CA GLU A 104 -2.70 3.48 -13.88
C GLU A 104 -2.13 3.99 -12.58
N ALA A 105 -1.70 5.25 -12.55
CA ALA A 105 -1.22 5.83 -11.30
C ALA A 105 -2.35 5.90 -10.28
N LYS A 106 -3.53 6.35 -10.71
CA LYS A 106 -4.65 6.51 -9.78
C LYS A 106 -5.03 5.19 -9.13
N LEU A 107 -4.96 4.09 -9.90
CA LEU A 107 -5.28 2.77 -9.35
C LEU A 107 -4.38 2.36 -8.19
N VAL A 108 -3.15 2.87 -8.12
CA VAL A 108 -2.27 2.52 -7.01
C VAL A 108 -2.09 3.69 -6.05
N GLY A 109 -3.05 4.61 -6.03
CA GLY A 109 -3.04 5.70 -5.06
C GLY A 109 -2.11 6.85 -5.34
N VAL A 110 -1.68 7.02 -6.59
CA VAL A 110 -0.74 8.07 -6.99
C VAL A 110 -1.48 9.03 -7.91
N THR A 111 -1.48 10.31 -7.55
CA THR A 111 -2.15 11.37 -8.29
C THR A 111 -1.13 12.10 -9.17
N VAL A 112 -1.28 11.99 -10.48
CA VAL A 112 -0.47 12.81 -11.39
C VAL A 112 -1.42 13.73 -12.14
N PRO A 113 -0.98 14.94 -12.50
CA PRO A 113 -1.84 15.80 -13.31
C PRO A 113 -1.96 15.24 -14.72
N LEU A 114 -3.17 15.25 -15.24
CA LEU A 114 -3.41 14.96 -16.65
C LEU A 114 -3.01 16.20 -17.45
N LEU A 115 -1.87 16.15 -18.13
CA LEU A 115 -1.40 17.29 -18.91
C LEU A 115 -1.96 17.16 -20.33
N GLY A 116 -3.21 17.60 -20.48
CA GLY A 116 -3.99 17.37 -21.68
C GLY A 116 -3.62 18.20 -22.89
N SER A 117 -2.89 19.30 -22.72
CA SER A 117 -2.58 20.12 -23.89
C SER A 117 -1.56 19.41 -24.78
N ASN A 118 -1.36 19.98 -25.96
CA ASN A 118 -0.48 19.39 -26.97
C ASN A 118 1.01 19.71 -26.75
N THR A 119 1.37 20.43 -25.69
CA THR A 119 2.78 20.73 -25.43
C THR A 119 3.62 19.47 -25.62
N SER A 120 4.60 19.56 -26.53
CA SER A 120 5.36 18.38 -26.91
C SER A 120 6.06 17.78 -25.69
N GLY A 121 5.91 16.48 -25.50
CA GLY A 121 6.52 15.81 -24.36
C GLY A 121 5.70 15.76 -23.10
N ASN A 122 4.41 16.14 -23.16
CA ASN A 122 3.58 16.05 -21.97
C ASN A 122 3.39 14.61 -21.52
N GLY A 123 3.46 13.65 -22.45
CA GLY A 123 3.28 12.26 -22.06
C GLY A 123 4.49 11.70 -21.32
N ASP A 124 5.68 11.85 -21.92
CA ASP A 124 6.90 11.43 -21.24
C ASP A 124 7.07 12.14 -19.91
N LYS A 125 6.55 13.36 -19.80
CA LYS A 125 6.64 14.08 -18.54
C LYS A 125 5.67 13.52 -17.51
N MET A 126 4.44 13.23 -17.91
CA MET A 126 3.53 12.52 -17.01
C MET A 126 4.11 11.16 -16.61
N SER A 127 4.66 10.42 -17.57
CA SER A 127 5.28 9.13 -17.27
C SER A 127 6.35 9.29 -16.19
N LYS A 128 7.27 10.24 -16.39
CA LYS A 128 8.36 10.45 -15.45
C LYS A 128 7.84 10.78 -14.05
N ASN A 129 6.85 11.67 -13.97
CA ASN A 129 6.29 12.04 -12.67
C ASN A 129 5.69 10.81 -11.99
N ALA A 130 4.88 10.04 -12.72
CA ALA A 130 4.21 8.87 -12.15
C ALA A 130 5.23 7.86 -11.63
N VAL A 131 6.29 7.60 -12.41
CA VAL A 131 7.27 6.60 -11.98
C VAL A 131 8.05 7.09 -10.77
N GLU A 132 8.35 8.40 -10.71
CA GLU A 132 9.09 8.92 -9.57
C GLU A 132 8.27 8.82 -8.29
N GLN A 133 6.95 9.07 -8.38
CA GLN A 133 6.10 8.92 -7.21
C GLN A 133 5.94 7.46 -6.81
N ILE A 134 5.74 6.58 -7.79
CA ILE A 134 5.59 5.16 -7.48
C ILE A 134 6.86 4.62 -6.83
N ASP A 135 8.02 5.06 -7.30
CA ASP A 135 9.29 4.63 -6.73
C ASP A 135 9.42 5.06 -5.29
N LYS A 136 9.00 6.29 -4.97
CA LYS A 136 9.10 6.74 -3.58
C LYS A 136 8.19 5.92 -2.66
N VAL A 137 7.00 5.56 -3.14
CA VAL A 137 6.11 4.72 -2.33
C VAL A 137 6.73 3.34 -2.12
N ILE A 138 7.28 2.76 -3.18
CA ILE A 138 7.92 1.44 -3.04
C ILE A 138 9.07 1.53 -2.05
N LYS A 139 9.91 2.56 -2.18
CA LYS A 139 11.02 2.74 -1.26
C LYS A 139 10.54 2.92 0.17
N PHE A 140 9.50 3.73 0.35
CA PHE A 140 8.93 3.96 1.67
C PHE A 140 8.45 2.65 2.29
N LEU A 141 7.72 1.84 1.51
CA LEU A 141 7.13 0.60 2.02
C LEU A 141 8.19 -0.47 2.28
N GLU A 142 9.31 -0.46 1.57
CA GLU A 142 10.31 -1.48 1.78
C GLU A 142 11.33 -1.13 2.85
N GLU A 143 11.23 0.07 3.44
CA GLU A 143 12.08 0.45 4.57
C GLU A 143 11.89 -0.50 5.74
#